data_3RBN
#
_entry.id   3RBN
#
_cell.length_a   63.505
_cell.length_b   64.700
_cell.length_c   130.932
_cell.angle_alpha   90.00
_cell.angle_beta   90.00
_cell.angle_gamma   90.00
#
_symmetry.space_group_name_H-M   'P 21 21 21'
#
loop_
_entity.id
_entity.type
_entity.pdbx_description
1 polymer 'DNA mismatch repair protein Mlh1'
2 water water
#
_entity_poly.entity_id   1
_entity_poly.type   'polypeptide(L)'
_entity_poly.pdbx_seq_one_letter_code
;(MSE)HHHHHHSSGRENLYFQGSRKE(MSE)TAACTPRRRIINLTSVLSLQEEINEQGHEVLRE(MSE)LHNHSFVGCVN
PQWALAQHQTKLYLLNTTKLSEELFYQILIYDFANFGVLRLSEPAPLFDLA(MSE)LALDSPESGWTEEDGPKEGLAEYI
VEFLKKKAE(MSE)LADYFSLEIDEEGNLIGLPLLIDNYVPPLEGLPIFILRLATEVNWDEEKECFESLSKECA(MSE)F
YSIRKQYISEESTLSGQQSEVPGSIPNSWKWTVEHIVYKALRSHILPPKHFTEDGNILQLANLPDLYK
;
_entity_poly.pdbx_strand_id   A,B
#
# COMPACT_ATOMS: atom_id res chain seq x y z
N GLY A 10 43.36 -11.20 -12.78
CA GLY A 10 43.44 -10.46 -14.08
C GLY A 10 42.40 -10.94 -15.07
N ARG A 11 42.87 -11.43 -16.22
CA ARG A 11 42.02 -11.83 -17.33
C ARG A 11 41.44 -13.24 -17.13
N GLU A 12 40.20 -13.44 -17.57
CA GLU A 12 39.60 -14.77 -17.60
C GLU A 12 40.25 -15.57 -18.72
N ASN A 13 40.86 -16.68 -18.34
CA ASN A 13 41.54 -17.55 -19.29
C ASN A 13 41.05 -18.99 -19.12
N LEU A 14 39.75 -19.15 -18.88
CA LEU A 14 39.14 -20.48 -18.74
C LEU A 14 38.14 -20.69 -19.88
N TYR A 15 37.04 -19.94 -19.86
CA TYR A 15 36.02 -19.97 -20.91
C TYR A 15 36.34 -19.00 -22.04
N PHE A 16 37.05 -17.90 -21.75
CA PHE A 16 37.44 -16.92 -22.79
C PHE A 16 38.87 -17.10 -23.32
N ARG A 20 29.39 -10.03 5.77
CA ARG A 20 28.68 -10.27 4.53
C ARG A 20 29.63 -10.45 3.35
N LYS A 21 30.92 -10.13 3.53
CA LYS A 21 31.88 -10.34 2.43
C LYS A 21 32.18 -11.84 2.26
N GLU A 22 31.65 -12.64 3.16
CA GLU A 22 31.72 -14.08 3.00
C GLU A 22 30.33 -14.66 2.70
N THR A 24 26.47 -14.07 0.34
CA THR A 24 25.75 -13.50 -0.77
C THR A 24 24.56 -12.72 -0.26
N ALA A 25 23.92 -11.98 -1.18
CA ALA A 25 22.69 -11.25 -0.89
C ALA A 25 21.55 -12.17 -0.48
N ALA A 26 21.63 -13.45 -0.86
CA ALA A 26 20.67 -14.45 -0.47
C ALA A 26 21.00 -15.10 0.87
N CYS A 27 22.00 -14.56 1.56
N CYS A 27 22.02 -14.59 1.57
CA CYS A 27 22.45 -15.11 2.83
CA CYS A 27 22.49 -15.12 2.87
C CYS A 27 22.87 -16.56 2.62
C CYS A 27 23.19 -16.48 2.76
N THR A 28 23.65 -16.83 1.55
CA THR A 28 24.29 -18.13 1.36
C THR A 28 25.79 -17.95 1.46
N PRO A 29 26.50 -18.98 1.95
CA PRO A 29 27.96 -18.87 2.02
C PRO A 29 28.59 -18.76 0.62
N ARG A 30 29.56 -17.86 0.48
CA ARG A 30 30.34 -17.77 -0.73
C ARG A 30 31.23 -19.01 -0.89
N ARG A 31 31.86 -19.15 -2.06
CA ARG A 31 32.66 -20.32 -2.38
C ARG A 31 34.05 -19.94 -2.82
N ARG A 32 34.24 -18.75 -3.37
CA ARG A 32 35.56 -18.35 -3.89
C ARG A 32 35.71 -16.85 -4.08
N ILE A 33 36.93 -16.35 -3.92
CA ILE A 33 37.23 -14.95 -4.22
C ILE A 33 37.01 -14.71 -5.72
N ILE A 34 36.49 -13.53 -6.05
CA ILE A 34 36.35 -13.10 -7.43
C ILE A 34 37.67 -12.44 -7.84
N ASN A 35 38.38 -13.13 -8.73
CA ASN A 35 39.71 -12.71 -9.22
C ASN A 35 39.75 -11.92 -10.53
N LEU A 36 38.61 -11.65 -11.15
CA LEU A 36 38.59 -11.12 -12.53
C LEU A 36 38.43 -9.61 -12.59
N THR A 37 39.34 -8.94 -13.28
CA THR A 37 39.27 -7.46 -13.36
C THR A 37 38.00 -6.97 -14.10
N SER A 38 37.50 -7.76 -15.05
CA SER A 38 36.26 -7.43 -15.73
C SER A 38 35.11 -7.19 -14.73
N VAL A 39 34.82 -8.19 -13.90
CA VAL A 39 33.70 -8.05 -12.95
C VAL A 39 34.05 -7.07 -11.83
N LEU A 40 35.31 -7.06 -11.37
CA LEU A 40 35.76 -6.04 -10.40
C LEU A 40 35.50 -4.65 -10.94
N SER A 41 35.81 -4.45 -12.23
CA SER A 41 35.54 -3.17 -12.87
C SER A 41 34.04 -2.86 -12.95
N LEU A 42 33.21 -3.86 -13.26
CA LEU A 42 31.75 -3.65 -13.26
C LEU A 42 31.23 -3.31 -11.84
N GLN A 43 31.82 -3.92 -10.83
CA GLN A 43 31.52 -3.57 -9.44
C GLN A 43 31.85 -2.10 -9.17
N GLU A 44 33.06 -1.67 -9.55
CA GLU A 44 33.46 -0.27 -9.37
C GLU A 44 32.48 0.67 -10.04
N GLU A 45 32.03 0.33 -11.24
CA GLU A 45 31.12 1.23 -11.98
C GLU A 45 29.76 1.41 -11.29
N ILE A 46 29.23 0.33 -10.68
CA ILE A 46 28.07 0.45 -9.78
C ILE A 46 28.36 1.39 -8.60
N ASN A 47 29.49 1.14 -7.94
CA ASN A 47 29.86 1.91 -6.74
C ASN A 47 30.02 3.41 -7.04
N GLU A 48 30.70 3.71 -8.15
CA GLU A 48 30.86 5.08 -8.68
C GLU A 48 29.55 5.84 -8.87
N GLN A 49 28.49 5.15 -9.29
CA GLN A 49 27.21 5.80 -9.54
C GLN A 49 26.26 5.82 -8.33
N GLY A 50 26.71 5.24 -7.22
CA GLY A 50 25.93 5.16 -5.99
C GLY A 50 25.54 6.53 -5.44
N HIS A 51 24.27 6.66 -5.05
CA HIS A 51 23.70 7.87 -4.45
C HIS A 51 23.30 7.53 -3.01
N GLU A 52 24.07 8.03 -2.03
CA GLU A 52 23.86 7.71 -0.62
C GLU A 52 22.50 8.11 -0.06
N VAL A 53 21.90 9.19 -0.59
CA VAL A 53 20.63 9.71 -0.09
C VAL A 53 19.42 8.86 -0.52
N LEU A 54 19.37 8.50 -1.80
CA LEU A 54 18.38 7.51 -2.25
C LEU A 54 18.55 6.19 -1.49
N ARG A 55 19.80 5.83 -1.20
CA ARG A 55 20.10 4.60 -0.49
C ARG A 55 19.51 4.60 0.93
N GLU A 56 19.73 5.72 1.62
CA GLU A 56 19.21 5.97 2.95
C GLU A 56 17.69 5.86 2.92
N LEU A 58 15.72 4.26 0.74
CA LEU A 58 15.27 2.85 0.53
C LEU A 58 15.54 2.02 1.77
N HIS A 59 16.66 2.29 2.42
CA HIS A 59 16.99 1.56 3.64
C HIS A 59 15.92 1.78 4.72
N ASN A 60 15.49 3.02 4.89
CA ASN A 60 14.56 3.38 5.97
C ASN A 60 13.14 3.68 5.53
N HIS A 61 12.76 3.23 4.32
CA HIS A 61 11.42 3.50 3.82
C HIS A 61 10.36 2.77 4.65
N SER A 62 9.16 3.33 4.63
CA SER A 62 8.04 2.68 5.20
C SER A 62 7.07 2.47 4.03
N PHE A 63 6.81 1.21 3.71
CA PHE A 63 6.05 0.84 2.51
C PHE A 63 4.60 1.23 2.69
N VAL A 64 4.02 1.87 1.67
CA VAL A 64 2.63 2.21 1.71
C VAL A 64 1.79 1.14 0.95
N GLY A 65 2.08 0.94 -0.34
CA GLY A 65 1.38 -0.11 -1.10
C GLY A 65 1.75 -0.10 -2.59
N CYS A 66 1.44 -1.20 -3.26
CA CYS A 66 1.57 -1.32 -4.72
C CYS A 66 0.38 -0.73 -5.42
N VAL A 67 0.62 0.07 -6.45
CA VAL A 67 -0.47 0.49 -7.33
C VAL A 67 -0.75 -0.68 -8.30
N ASN A 68 0.30 -1.21 -8.87
CA ASN A 68 0.27 -2.40 -9.70
C ASN A 68 1.68 -3.02 -9.59
N PRO A 69 2.00 -4.06 -10.39
CA PRO A 69 3.36 -4.61 -10.26
C PRO A 69 4.47 -3.62 -10.62
N GLN A 70 4.19 -2.67 -11.49
CA GLN A 70 5.23 -1.75 -11.90
C GLN A 70 5.51 -0.63 -10.88
N TRP A 71 4.47 -0.17 -10.18
CA TRP A 71 4.57 1.04 -9.36
C TRP A 71 4.20 0.77 -7.91
N ALA A 72 5.01 1.27 -6.99
CA ALA A 72 4.67 1.24 -5.55
C ALA A 72 4.87 2.60 -4.94
N LEU A 73 4.34 2.75 -3.72
CA LEU A 73 4.47 3.96 -2.95
C LEU A 73 5.07 3.63 -1.61
N ALA A 74 5.97 4.50 -1.18
CA ALA A 74 6.60 4.38 0.12
C ALA A 74 6.83 5.77 0.67
N GLN A 75 7.07 5.83 1.96
CA GLN A 75 7.31 7.11 2.56
C GLN A 75 8.56 7.05 3.43
N HIS A 76 9.24 8.17 3.51
CA HIS A 76 10.48 8.26 4.27
C HIS A 76 10.54 9.67 4.85
N GLN A 77 10.76 9.76 6.16
CA GLN A 77 10.52 10.99 6.91
C GLN A 77 9.10 11.38 6.56
N THR A 78 8.96 12.61 6.11
CA THR A 78 7.62 13.13 5.90
C THR A 78 7.25 13.08 4.40
N LYS A 79 8.16 12.56 3.58
CA LYS A 79 7.95 12.54 2.13
C LYS A 79 7.34 11.24 1.57
N LEU A 80 6.40 11.40 0.66
CA LEU A 80 5.76 10.29 -0.03
C LEU A 80 6.38 10.14 -1.43
N TYR A 81 6.82 8.94 -1.77
CA TYR A 81 7.48 8.72 -3.06
C TYR A 81 6.75 7.69 -3.88
N LEU A 82 6.68 7.95 -5.19
CA LEU A 82 6.27 6.97 -6.18
C LEU A 82 7.53 6.32 -6.73
N LEU A 83 7.57 4.98 -6.71
CA LEU A 83 8.77 4.23 -7.02
C LEU A 83 8.50 3.20 -8.14
N ASN A 84 9.34 3.21 -9.17
CA ASN A 84 9.15 2.26 -10.26
C ASN A 84 9.75 0.92 -9.83
N THR A 85 8.91 0.06 -9.27
CA THR A 85 9.32 -1.28 -8.79
C THR A 85 10.07 -2.06 -9.86
N THR A 86 9.59 -1.97 -11.10
CA THR A 86 10.21 -2.70 -12.24
C THR A 86 11.67 -2.31 -12.41
N LYS A 87 11.92 -1.02 -12.54
CA LYS A 87 13.27 -0.55 -12.76
C LYS A 87 14.13 -0.62 -11.51
N LEU A 88 13.52 -0.47 -10.33
CA LEU A 88 14.27 -0.66 -9.07
C LEU A 88 14.72 -2.10 -8.86
N SER A 89 13.80 -3.05 -9.03
CA SER A 89 14.17 -4.46 -8.85
C SER A 89 15.16 -4.89 -9.95
N GLU A 90 14.92 -4.44 -11.18
CA GLU A 90 15.90 -4.68 -12.26
C GLU A 90 17.31 -4.32 -11.83
N GLU A 91 17.46 -3.10 -11.33
CA GLU A 91 18.75 -2.60 -10.94
C GLU A 91 19.29 -3.38 -9.76
N LEU A 92 18.41 -3.68 -8.80
CA LEU A 92 18.76 -4.54 -7.65
C LEU A 92 19.32 -5.88 -8.11
N PHE A 93 18.59 -6.55 -9.01
CA PHE A 93 19.05 -7.90 -9.43
C PHE A 93 20.35 -7.82 -10.22
N TYR A 94 20.51 -6.78 -11.03
CA TYR A 94 21.76 -6.57 -11.77
C TYR A 94 22.98 -6.47 -10.82
N GLN A 95 22.89 -5.62 -9.80
CA GLN A 95 23.99 -5.41 -8.86
C GLN A 95 24.32 -6.69 -8.09
N ILE A 96 23.30 -7.46 -7.73
CA ILE A 96 23.53 -8.72 -7.04
C ILE A 96 24.29 -9.68 -7.95
N LEU A 97 23.92 -9.70 -9.23
CA LEU A 97 24.60 -10.55 -10.21
C LEU A 97 26.08 -10.25 -10.32
N ILE A 98 26.42 -8.96 -10.29
CA ILE A 98 27.79 -8.49 -10.45
C ILE A 98 28.62 -8.73 -9.19
N TYR A 99 28.02 -8.53 -8.02
CA TYR A 99 28.73 -8.71 -6.73
C TYR A 99 28.80 -10.16 -6.28
N ASP A 100 27.77 -10.94 -6.59
CA ASP A 100 27.75 -12.34 -6.15
C ASP A 100 28.11 -13.27 -7.31
N PHE A 101 28.47 -12.68 -8.44
CA PHE A 101 29.15 -13.40 -9.56
C PHE A 101 29.92 -14.64 -9.11
N ALA A 102 29.50 -15.80 -9.63
CA ALA A 102 30.19 -17.08 -9.43
C ALA A 102 30.13 -17.64 -8.01
N ASN A 103 29.20 -17.10 -7.23
CA ASN A 103 29.08 -17.46 -5.83
C ASN A 103 27.62 -17.68 -5.42
N PHE A 104 26.75 -17.84 -6.42
CA PHE A 104 25.33 -17.87 -6.15
C PHE A 104 24.95 -19.20 -5.56
N GLY A 105 23.91 -19.19 -4.73
CA GLY A 105 23.23 -20.43 -4.38
C GLY A 105 22.28 -20.73 -5.51
N VAL A 106 21.75 -21.94 -5.54
CA VAL A 106 20.97 -22.37 -6.69
C VAL A 106 19.50 -22.48 -6.37
N LEU A 107 18.68 -21.81 -7.16
CA LEU A 107 17.24 -21.98 -7.11
C LEU A 107 16.90 -23.16 -8.02
N ARG A 108 16.46 -24.26 -7.44
CA ARG A 108 16.26 -25.48 -8.19
C ARG A 108 14.83 -25.49 -8.71
N LEU A 109 14.65 -25.70 -10.02
CA LEU A 109 13.29 -25.77 -10.59
C LEU A 109 12.60 -27.05 -10.18
N SER A 110 11.35 -26.93 -9.74
CA SER A 110 10.59 -28.09 -9.29
C SER A 110 10.49 -29.12 -10.42
N GLU A 111 10.20 -28.66 -11.64
CA GLU A 111 10.34 -29.49 -12.86
C GLU A 111 11.30 -28.90 -13.93
N PRO A 112 12.26 -29.71 -14.42
CA PRO A 112 13.13 -29.25 -15.51
C PRO A 112 12.32 -28.76 -16.72
N ALA A 113 12.86 -27.76 -17.43
CA ALA A 113 12.18 -27.18 -18.58
C ALA A 113 13.03 -27.32 -19.83
N PRO A 114 12.59 -28.13 -20.81
CA PRO A 114 13.43 -28.33 -22.00
C PRO A 114 13.69 -26.99 -22.68
N LEU A 115 14.96 -26.70 -23.00
CA LEU A 115 15.28 -25.44 -23.71
C LEU A 115 14.53 -25.32 -25.04
N PHE A 116 14.33 -26.43 -25.73
CA PHE A 116 13.54 -26.42 -26.97
C PHE A 116 12.13 -25.87 -26.77
N ASP A 117 11.43 -26.36 -25.74
CA ASP A 117 10.04 -25.93 -25.50
C ASP A 117 9.96 -24.46 -25.06
N LEU A 118 11.00 -24.00 -24.37
CA LEU A 118 11.08 -22.60 -23.96
C LEU A 118 11.29 -21.65 -25.15
N ALA A 119 12.26 -21.99 -26.00
CA ALA A 119 12.57 -21.22 -27.19
C ALA A 119 11.35 -21.14 -28.11
N LEU A 121 8.15 -21.45 -27.25
CA LEU A 121 7.21 -20.56 -26.59
C LEU A 121 7.60 -19.10 -26.82
N ALA A 122 8.90 -18.83 -26.76
CA ALA A 122 9.40 -17.47 -26.96
C ALA A 122 9.16 -17.01 -28.40
N LEU A 123 9.50 -17.86 -29.36
CA LEU A 123 9.36 -17.53 -30.78
C LEU A 123 7.91 -17.26 -31.11
N ASP A 124 7.00 -17.90 -30.39
CA ASP A 124 5.55 -17.65 -30.56
C ASP A 124 5.05 -16.33 -29.96
N SER A 125 5.91 -15.54 -29.31
CA SER A 125 5.42 -14.29 -28.75
C SER A 125 6.06 -13.10 -29.47
N PRO A 126 5.35 -11.96 -29.48
CA PRO A 126 5.80 -10.77 -30.21
C PRO A 126 7.09 -10.18 -29.65
N GLU A 127 7.36 -10.43 -28.35
CA GLU A 127 8.58 -9.93 -27.70
C GLU A 127 9.84 -10.56 -28.29
N SER A 128 9.70 -11.73 -28.91
CA SER A 128 10.84 -12.38 -29.57
C SER A 128 11.32 -11.59 -30.78
N GLY A 129 10.41 -10.82 -31.40
CA GLY A 129 10.73 -10.16 -32.68
C GLY A 129 10.83 -11.13 -33.86
N TRP A 130 10.33 -12.37 -33.71
CA TRP A 130 10.37 -13.31 -34.83
C TRP A 130 9.43 -12.81 -35.92
N THR A 131 9.90 -12.92 -37.16
CA THR A 131 9.03 -12.68 -38.31
C THR A 131 9.12 -13.85 -39.30
N GLU A 132 8.13 -13.94 -40.18
CA GLU A 132 8.06 -14.98 -41.20
C GLU A 132 9.31 -15.07 -42.08
N GLU A 133 10.00 -13.95 -42.26
CA GLU A 133 11.24 -13.97 -43.03
C GLU A 133 12.48 -14.48 -42.30
N ASP A 134 12.39 -14.66 -40.98
CA ASP A 134 13.56 -15.10 -40.17
C ASP A 134 13.99 -16.55 -40.37
N GLY A 135 13.05 -17.44 -40.69
CA GLY A 135 13.40 -18.87 -40.78
C GLY A 135 12.37 -19.68 -40.02
N PRO A 136 12.34 -21.02 -40.20
CA PRO A 136 11.43 -21.85 -39.40
C PRO A 136 11.76 -21.73 -37.90
N LYS A 137 10.73 -21.58 -37.09
CA LYS A 137 10.81 -21.57 -35.62
C LYS A 137 11.57 -22.78 -35.05
N GLU A 138 11.18 -23.98 -35.47
CA GLU A 138 11.83 -25.21 -35.03
C GLU A 138 13.33 -25.15 -35.25
N GLY A 139 13.76 -24.66 -36.42
CA GLY A 139 15.18 -24.50 -36.73
C GLY A 139 15.88 -23.44 -35.87
N LEU A 140 15.22 -22.31 -35.67
CA LEU A 140 15.76 -21.29 -34.77
C LEU A 140 15.77 -21.82 -33.31
N ALA A 141 14.70 -22.48 -32.89
CA ALA A 141 14.70 -23.15 -31.58
C ALA A 141 15.83 -24.16 -31.39
N GLU A 142 16.04 -25.05 -32.38
CA GLU A 142 17.12 -26.07 -32.31
C GLU A 142 18.50 -25.45 -32.18
N TYR A 143 18.75 -24.39 -32.95
CA TYR A 143 20.02 -23.69 -32.88
C TYR A 143 20.29 -23.09 -31.47
N ILE A 144 19.28 -22.42 -30.90
CA ILE A 144 19.34 -21.84 -29.56
C ILE A 144 19.71 -22.90 -28.52
N VAL A 145 19.03 -24.04 -28.58
CA VAL A 145 19.31 -25.18 -27.70
C VAL A 145 20.78 -25.58 -27.76
N GLU A 146 21.30 -25.81 -28.98
CA GLU A 146 22.68 -26.27 -29.14
C GLU A 146 23.66 -25.18 -28.72
N PHE A 147 23.35 -23.94 -29.06
CA PHE A 147 24.19 -22.83 -28.64
C PHE A 147 24.26 -22.76 -27.10
N LEU A 148 23.13 -22.85 -26.42
CA LEU A 148 23.14 -22.72 -24.95
C LEU A 148 23.77 -23.93 -24.28
N LYS A 149 23.60 -25.11 -24.89
CA LYS A 149 24.33 -26.32 -24.46
C LYS A 149 25.84 -26.11 -24.49
N LYS A 150 26.33 -25.42 -25.51
CA LYS A 150 27.77 -25.12 -25.56
C LYS A 150 28.21 -24.09 -24.50
N LYS A 151 27.29 -23.23 -24.08
CA LYS A 151 27.60 -22.24 -23.02
C LYS A 151 27.26 -22.78 -21.61
N ALA A 152 26.59 -23.93 -21.55
CA ALA A 152 26.11 -24.49 -20.28
C ALA A 152 27.17 -24.52 -19.17
N GLU A 153 28.37 -24.99 -19.49
CA GLU A 153 29.39 -25.09 -18.46
C GLU A 153 29.68 -23.73 -17.82
N LEU A 155 27.78 -20.94 -17.90
CA LEU A 155 26.55 -20.47 -17.30
C LEU A 155 26.29 -21.01 -15.87
N ALA A 156 26.49 -22.32 -15.65
CA ALA A 156 26.30 -22.95 -14.34
C ALA A 156 27.40 -22.51 -13.38
N ASP A 157 28.61 -22.42 -13.91
CA ASP A 157 29.78 -22.03 -13.16
C ASP A 157 29.64 -20.61 -12.60
N TYR A 158 29.46 -19.65 -13.50
CA TYR A 158 29.56 -18.25 -13.13
C TYR A 158 28.23 -17.62 -12.69
N PHE A 159 27.12 -18.20 -13.14
CA PHE A 159 25.81 -17.57 -12.92
C PHE A 159 24.78 -18.50 -12.30
N SER A 160 25.19 -19.73 -12.03
CA SER A 160 24.24 -20.75 -11.56
C SER A 160 22.98 -20.87 -12.41
N LEU A 161 23.12 -20.63 -13.72
CA LEU A 161 22.07 -20.96 -14.69
C LEU A 161 22.43 -22.36 -15.22
N GLU A 162 21.69 -23.37 -14.79
CA GLU A 162 22.11 -24.76 -14.92
C GLU A 162 21.27 -25.48 -15.93
N ILE A 163 21.95 -26.01 -16.95
CA ILE A 163 21.31 -26.78 -18.00
C ILE A 163 21.96 -28.15 -17.97
N ASP A 164 21.16 -29.22 -17.89
CA ASP A 164 21.74 -30.57 -17.84
C ASP A 164 22.10 -31.08 -19.26
N GLU A 165 22.62 -32.31 -19.34
CA GLU A 165 23.11 -32.89 -20.61
C GLU A 165 22.03 -33.03 -21.69
N GLU A 166 20.76 -33.17 -21.27
CA GLU A 166 19.66 -33.29 -22.21
C GLU A 166 19.10 -31.96 -22.73
N GLY A 167 19.65 -30.83 -22.29
CA GLY A 167 19.16 -29.53 -22.76
C GLY A 167 17.97 -29.06 -21.93
N ASN A 168 17.87 -29.56 -20.70
CA ASN A 168 16.82 -29.05 -19.81
C ASN A 168 17.41 -28.01 -18.89
N LEU A 169 16.65 -26.94 -18.67
CA LEU A 169 17.02 -25.94 -17.71
C LEU A 169 16.59 -26.48 -16.35
N ILE A 170 17.54 -26.60 -15.43
CA ILE A 170 17.26 -27.23 -14.12
C ILE A 170 17.50 -26.34 -12.89
N GLY A 171 18.21 -25.23 -13.09
CA GLY A 171 18.50 -24.31 -11.98
C GLY A 171 18.74 -22.88 -12.43
N LEU A 172 18.44 -21.97 -11.50
CA LEU A 172 18.62 -20.53 -11.68
C LEU A 172 19.39 -20.01 -10.45
N PRO A 173 20.01 -18.82 -10.55
CA PRO A 173 20.63 -18.26 -9.37
C PRO A 173 19.56 -17.84 -8.35
N LEU A 174 19.80 -18.19 -7.08
CA LEU A 174 18.99 -17.65 -6.00
C LEU A 174 19.57 -16.29 -5.65
N LEU A 175 19.04 -15.23 -6.25
CA LEU A 175 19.64 -13.89 -6.08
C LEU A 175 19.32 -13.29 -4.71
N ILE A 176 18.05 -13.29 -4.33
CA ILE A 176 17.65 -13.01 -2.95
C ILE A 176 16.85 -14.20 -2.40
N ASP A 177 16.84 -14.32 -1.08
CA ASP A 177 16.12 -15.40 -0.39
C ASP A 177 14.61 -15.32 -0.63
N ASN A 178 13.98 -16.49 -0.78
N ASN A 178 13.97 -16.47 -0.80
CA ASN A 178 12.53 -16.65 -0.96
CA ASN A 178 12.51 -16.57 -0.91
C ASN A 178 11.91 -15.85 -2.11
C ASN A 178 11.92 -15.80 -2.09
N TYR A 179 12.65 -15.72 -3.20
CA TYR A 179 12.12 -15.07 -4.41
C TYR A 179 12.26 -16.01 -5.60
N VAL A 180 11.16 -16.23 -6.28
CA VAL A 180 11.15 -16.92 -7.55
C VAL A 180 10.71 -15.90 -8.58
N PRO A 181 11.58 -15.60 -9.57
CA PRO A 181 11.23 -14.64 -10.60
C PRO A 181 10.01 -15.09 -11.38
N PRO A 182 9.31 -14.15 -12.04
CA PRO A 182 8.12 -14.51 -12.81
C PRO A 182 8.48 -15.47 -13.95
N LEU A 183 8.10 -16.74 -13.81
CA LEU A 183 8.53 -17.82 -14.71
C LEU A 183 7.89 -17.78 -16.13
N GLU A 184 6.85 -16.97 -16.29
CA GLU A 184 6.29 -16.69 -17.61
C GLU A 184 7.29 -15.93 -18.49
N GLY A 185 8.27 -15.27 -17.86
CA GLY A 185 9.34 -14.58 -18.56
C GLY A 185 10.48 -15.51 -19.01
N LEU A 186 10.45 -16.76 -18.57
CA LEU A 186 11.52 -17.69 -18.84
C LEU A 186 11.83 -17.91 -20.35
N PRO A 187 10.80 -18.12 -21.19
CA PRO A 187 11.08 -18.33 -22.62
C PRO A 187 11.85 -17.18 -23.27
N ILE A 188 11.35 -15.94 -23.14
CA ILE A 188 12.03 -14.79 -23.73
C ILE A 188 13.43 -14.63 -23.16
N PHE A 189 13.59 -14.99 -21.88
CA PHE A 189 14.91 -14.88 -21.28
C PHE A 189 15.90 -15.84 -21.94
N ILE A 190 15.50 -17.09 -22.10
CA ILE A 190 16.30 -18.10 -22.80
C ILE A 190 16.62 -17.63 -24.23
N LEU A 191 15.61 -17.13 -24.93
CA LEU A 191 15.83 -16.59 -26.27
C LEU A 191 16.90 -15.49 -26.25
N ARG A 192 16.70 -14.49 -25.38
CA ARG A 192 17.60 -13.34 -25.32
C ARG A 192 18.99 -13.70 -24.82
N LEU A 193 19.05 -14.72 -23.97
CA LEU A 193 20.32 -15.23 -23.53
C LEU A 193 21.18 -15.65 -24.74
N ALA A 194 20.55 -16.32 -25.70
CA ALA A 194 21.28 -16.80 -26.87
C ALA A 194 21.56 -15.63 -27.81
N THR A 195 20.60 -14.72 -27.86
CA THR A 195 20.43 -13.78 -28.95
C THR A 195 20.96 -12.35 -28.69
N GLU A 196 20.77 -11.85 -27.47
CA GLU A 196 21.12 -10.46 -27.15
C GLU A 196 22.40 -10.32 -26.35
N VAL A 197 22.95 -11.42 -25.86
CA VAL A 197 24.19 -11.37 -25.08
C VAL A 197 25.43 -11.27 -25.97
N ASN A 198 26.35 -10.37 -25.59
CA ASN A 198 27.64 -10.32 -26.27
C ASN A 198 28.57 -11.43 -25.81
N TRP A 199 28.65 -12.53 -26.55
CA TRP A 199 29.52 -13.64 -26.14
C TRP A 199 30.99 -13.53 -26.54
N ASP A 200 31.33 -12.47 -27.26
CA ASP A 200 32.67 -12.34 -27.85
C ASP A 200 33.72 -11.80 -26.86
N GLU A 201 33.34 -10.82 -26.04
CA GLU A 201 34.25 -10.15 -25.09
C GLU A 201 33.84 -10.37 -23.63
N GLU A 202 34.82 -10.64 -22.79
CA GLU A 202 34.63 -11.00 -21.37
C GLU A 202 33.72 -10.03 -20.60
N LYS A 203 34.14 -8.77 -20.49
CA LYS A 203 33.44 -7.79 -19.67
C LYS A 203 32.03 -7.54 -20.18
N GLU A 204 31.90 -7.38 -21.51
CA GLU A 204 30.62 -7.08 -22.11
C GLU A 204 29.73 -8.33 -22.07
N CYS A 205 30.33 -9.51 -22.03
CA CYS A 205 29.55 -10.73 -21.83
C CYS A 205 28.91 -10.71 -20.45
N PHE A 206 29.75 -10.59 -19.42
CA PHE A 206 29.26 -10.61 -18.04
C PHE A 206 28.24 -9.51 -17.76
N GLU A 207 28.50 -8.32 -18.30
CA GLU A 207 27.56 -7.22 -18.17
C GLU A 207 26.22 -7.44 -18.88
N SER A 208 26.26 -7.86 -20.14
CA SER A 208 25.01 -7.96 -20.92
C SER A 208 24.19 -9.17 -20.44
N LEU A 209 24.89 -10.22 -20.01
CA LEU A 209 24.23 -11.38 -19.44
C LEU A 209 23.55 -11.05 -18.09
N SER A 210 24.25 -10.31 -17.24
CA SER A 210 23.65 -9.84 -15.98
C SER A 210 22.46 -8.95 -16.24
N LYS A 211 22.58 -8.09 -17.24
CA LYS A 211 21.46 -7.22 -17.58
C LYS A 211 20.22 -8.05 -18.01
N GLU A 212 20.43 -9.04 -18.88
CA GLU A 212 19.32 -9.91 -19.31
C GLU A 212 18.71 -10.69 -18.14
N CYS A 213 19.54 -11.23 -17.28
CA CYS A 213 19.04 -11.99 -16.13
C CYS A 213 18.28 -11.05 -15.16
N ALA A 214 18.81 -9.84 -15.00
CA ALA A 214 18.18 -8.86 -14.11
C ALA A 214 16.80 -8.48 -14.60
N PHE A 216 14.94 -10.40 -16.47
CA PHE A 216 14.16 -11.63 -16.19
C PHE A 216 13.67 -11.71 -14.71
N TYR A 217 14.51 -11.30 -13.78
CA TYR A 217 14.14 -11.40 -12.33
C TYR A 217 13.27 -10.23 -11.87
N SER A 218 13.34 -9.12 -12.62
CA SER A 218 12.68 -7.89 -12.23
C SER A 218 11.20 -8.13 -12.24
N ILE A 219 10.46 -7.33 -11.48
CA ILE A 219 9.01 -7.42 -11.40
C ILE A 219 8.41 -6.68 -12.61
N ARG A 220 7.80 -7.42 -13.52
CA ARG A 220 7.21 -6.82 -14.72
C ARG A 220 5.76 -7.25 -14.82
N LYS A 221 4.87 -6.27 -14.92
CA LYS A 221 3.43 -6.53 -14.93
C LYS A 221 2.96 -7.52 -16.00
N GLN A 222 3.60 -7.52 -17.18
CA GLN A 222 3.14 -8.40 -18.28
C GLN A 222 3.35 -9.89 -17.99
N TYR A 223 4.17 -10.20 -16.97
CA TYR A 223 4.41 -11.58 -16.54
C TYR A 223 3.85 -11.93 -15.18
N ILE A 224 2.93 -11.11 -14.69
CA ILE A 224 2.36 -11.28 -13.37
C ILE A 224 0.84 -11.19 -13.51
N SER A 225 0.16 -12.20 -12.99
CA SER A 225 -1.31 -12.21 -12.92
C SER A 225 -1.72 -12.15 -11.44
N GLU A 226 -3.03 -12.22 -11.17
CA GLU A 226 -3.55 -12.11 -9.79
C GLU A 226 -3.23 -13.32 -8.93
N GLU A 227 -2.90 -14.44 -9.58
CA GLU A 227 -2.58 -15.68 -8.89
C GLU A 227 -1.08 -15.88 -8.63
N SER A 228 -0.25 -14.99 -9.19
CA SER A 228 1.21 -15.08 -9.04
C SER A 228 1.61 -15.06 -7.56
N THR A 229 2.57 -15.91 -7.21
CA THR A 229 3.13 -15.96 -5.84
C THR A 229 4.43 -15.19 -5.75
N LEU A 230 5.40 -15.56 -6.59
CA LEU A 230 6.78 -15.03 -6.60
C LEU A 230 7.66 -15.54 -5.45
N SER A 231 7.12 -16.50 -4.69
CA SER A 231 7.81 -17.06 -3.52
C SER A 231 7.31 -18.47 -3.20
N ASN A 243 -3.67 -11.38 -5.26
CA ASN A 243 -2.53 -10.52 -5.55
C ASN A 243 -1.42 -10.67 -4.50
N SER A 244 -1.06 -11.92 -4.18
CA SER A 244 -0.01 -12.18 -3.19
C SER A 244 1.40 -11.89 -3.72
N TRP A 245 1.49 -11.57 -5.01
CA TRP A 245 2.69 -10.92 -5.55
C TRP A 245 2.93 -9.60 -4.81
N LYS A 246 1.85 -9.00 -4.29
CA LYS A 246 1.92 -7.75 -3.54
C LYS A 246 2.68 -7.94 -2.25
N TRP A 247 2.43 -9.07 -1.58
CA TRP A 247 3.14 -9.40 -0.36
C TRP A 247 4.63 -9.57 -0.67
N THR A 248 4.94 -10.28 -1.75
CA THR A 248 6.34 -10.50 -2.15
C THR A 248 7.00 -9.18 -2.52
N VAL A 249 6.33 -8.34 -3.28
CA VAL A 249 6.94 -7.06 -3.62
C VAL A 249 7.35 -6.32 -2.33
N GLU A 250 6.42 -6.19 -1.39
CA GLU A 250 6.67 -5.45 -0.14
C GLU A 250 7.72 -6.09 0.74
N HIS A 251 7.57 -7.39 0.99
CA HIS A 251 8.37 -8.05 2.05
C HIS A 251 9.61 -8.79 1.56
N ILE A 252 9.77 -8.98 0.25
CA ILE A 252 10.94 -9.68 -0.27
C ILE A 252 11.75 -8.71 -1.11
N VAL A 253 11.12 -8.14 -2.13
CA VAL A 253 11.81 -7.24 -3.05
C VAL A 253 12.20 -5.92 -2.37
N TYR A 254 11.24 -5.23 -1.77
CA TYR A 254 11.56 -3.96 -1.13
C TYR A 254 12.35 -4.12 0.16
N LYS A 255 12.21 -5.28 0.82
CA LYS A 255 13.14 -5.61 1.92
C LYS A 255 14.56 -5.70 1.38
N ALA A 256 14.75 -6.44 0.28
CA ALA A 256 16.10 -6.52 -0.32
C ALA A 256 16.62 -5.13 -0.71
N LEU A 257 15.71 -4.26 -1.12
CA LEU A 257 16.10 -2.90 -1.51
C LEU A 257 16.66 -2.09 -0.35
N ARG A 258 16.35 -2.47 0.89
CA ARG A 258 16.91 -1.81 2.06
C ARG A 258 18.42 -2.01 2.20
N SER A 259 18.96 -3.09 1.62
CA SER A 259 20.35 -3.54 1.94
C SER A 259 21.24 -3.83 0.74
N HIS A 260 20.67 -4.32 -0.36
CA HIS A 260 21.50 -4.91 -1.41
C HIS A 260 21.55 -4.09 -2.68
N ILE A 261 21.10 -2.84 -2.62
CA ILE A 261 21.22 -1.98 -3.76
C ILE A 261 21.91 -0.66 -3.42
N LEU A 262 22.81 -0.24 -4.32
CA LEU A 262 23.37 1.10 -4.34
C LEU A 262 22.67 1.87 -5.43
N PRO A 263 21.56 2.55 -5.09
CA PRO A 263 20.81 3.11 -6.21
C PRO A 263 21.63 4.18 -6.94
N PRO A 264 21.68 4.11 -8.30
CA PRO A 264 22.48 5.08 -9.06
C PRO A 264 21.80 6.44 -9.13
N LYS A 265 22.60 7.49 -9.34
CA LYS A 265 22.13 8.89 -9.32
C LYS A 265 21.05 9.17 -10.34
N HIS A 266 21.10 8.47 -11.47
CA HIS A 266 20.12 8.73 -12.50
C HIS A 266 18.70 8.42 -12.03
N PHE A 267 18.56 7.58 -10.99
CA PHE A 267 17.22 7.34 -10.44
C PHE A 267 16.60 8.65 -9.88
N THR A 268 17.44 9.59 -9.45
CA THR A 268 16.95 10.92 -8.97
C THR A 268 16.37 11.80 -10.07
N GLU A 269 16.65 11.47 -11.34
CA GLU A 269 16.29 12.34 -12.45
C GLU A 269 15.53 11.66 -13.58
N ASP A 270 15.60 10.34 -13.68
CA ASP A 270 15.01 9.64 -14.84
C ASP A 270 13.49 9.39 -14.75
N GLY A 271 12.89 9.70 -13.60
CA GLY A 271 11.45 9.50 -13.41
C GLY A 271 11.06 8.21 -12.69
N ASN A 272 12.04 7.38 -12.32
CA ASN A 272 11.78 6.11 -11.61
C ASN A 272 11.47 6.28 -10.10
N ILE A 273 11.95 7.40 -9.53
CA ILE A 273 11.70 7.77 -8.14
C ILE A 273 11.18 9.21 -8.11
N LEU A 274 9.90 9.38 -7.79
CA LEU A 274 9.25 10.69 -7.81
C LEU A 274 8.65 11.02 -6.45
N GLN A 275 9.03 12.15 -5.87
CA GLN A 275 8.34 12.68 -4.71
C GLN A 275 6.97 13.24 -5.06
N LEU A 276 5.94 12.70 -4.42
CA LEU A 276 4.59 13.16 -4.69
C LEU A 276 4.01 14.16 -3.69
N ALA A 277 4.50 14.13 -2.46
CA ALA A 277 3.93 14.94 -1.38
C ALA A 277 4.85 15.02 -0.21
N ASN A 278 4.67 16.09 0.55
CA ASN A 278 5.37 16.33 1.79
C ASN A 278 4.28 16.49 2.89
N LEU A 279 4.39 15.67 3.93
CA LEU A 279 3.47 15.69 5.08
C LEU A 279 4.22 16.01 6.39
N PRO A 280 4.66 17.29 6.57
CA PRO A 280 5.55 17.60 7.70
C PRO A 280 4.95 17.33 9.09
N ASP A 281 3.62 17.30 9.19
CA ASP A 281 2.92 17.03 10.46
C ASP A 281 2.38 15.62 10.45
N LEU A 282 3.16 14.67 9.92
CA LEU A 282 2.72 13.29 9.76
C LEU A 282 2.54 12.58 11.11
N TYR A 283 3.36 13.00 12.07
CA TYR A 283 3.54 12.25 13.32
C TYR A 283 2.44 12.37 14.34
N LYS A 284 2.43 11.42 15.27
CA LYS A 284 1.45 11.39 16.36
C LYS A 284 2.11 10.77 17.58
N ASN B 13 -41.27 15.78 16.60
CA ASN B 13 -40.70 17.11 17.00
C ASN B 13 -41.23 17.55 18.36
N LEU B 14 -41.68 16.58 19.14
CA LEU B 14 -42.20 16.82 20.48
C LEU B 14 -41.13 17.28 21.44
N TYR B 15 -39.99 16.59 21.41
CA TYR B 15 -38.88 16.85 22.32
C TYR B 15 -38.48 18.33 22.38
N PHE B 16 -38.87 19.08 21.35
CA PHE B 16 -38.53 20.50 21.24
C PHE B 16 -39.75 21.44 21.30
N GLN B 17 -40.94 20.84 21.42
CA GLN B 17 -42.20 21.58 21.64
C GLN B 17 -42.75 22.23 20.36
N ALA B 25 -27.11 1.63 6.56
CA ALA B 25 -25.69 1.61 6.23
C ALA B 25 -24.90 0.55 6.98
N ALA B 26 -25.46 0.08 8.10
CA ALA B 26 -24.83 -0.95 8.93
C ALA B 26 -25.32 -2.37 8.61
N CYS B 27 -26.28 -2.46 7.67
CA CYS B 27 -26.94 -3.71 7.30
C CYS B 27 -27.61 -4.39 8.50
N THR B 28 -28.33 -3.57 9.29
CA THR B 28 -29.07 -4.03 10.46
C THR B 28 -30.53 -3.58 10.41
N ARG B 32 -38.20 2.67 10.60
CA ARG B 32 -39.28 3.65 10.60
C ARG B 32 -38.96 4.89 9.79
N ILE B 33 -40.00 5.50 9.22
CA ILE B 33 -39.87 6.69 8.41
C ILE B 33 -39.63 7.92 9.27
N ILE B 34 -38.92 8.90 8.72
CA ILE B 34 -38.69 10.17 9.40
C ILE B 34 -39.46 11.29 8.67
N ASN B 35 -40.51 11.78 9.32
CA ASN B 35 -41.34 12.85 8.76
C ASN B 35 -40.79 14.25 9.09
N LEU B 36 -39.94 14.31 10.12
CA LEU B 36 -39.38 15.56 10.63
C LEU B 36 -38.75 16.42 9.55
N THR B 37 -39.22 17.66 9.44
CA THR B 37 -38.73 18.54 8.37
C THR B 37 -37.32 19.07 8.65
N SER B 38 -36.84 18.91 9.89
CA SER B 38 -35.48 19.30 10.23
C SER B 38 -34.41 18.32 9.72
N VAL B 39 -34.66 17.02 9.88
CA VAL B 39 -33.76 15.96 9.40
C VAL B 39 -33.82 15.81 7.88
N LEU B 40 -35.03 15.93 7.33
CA LEU B 40 -35.23 15.86 5.89
C LEU B 40 -34.60 17.09 5.22
N SER B 41 -34.52 18.19 5.97
CA SER B 41 -33.85 19.38 5.49
C SER B 41 -32.34 19.19 5.49
N LEU B 42 -31.82 18.52 6.52
CA LEU B 42 -30.39 18.25 6.61
C LEU B 42 -29.97 17.23 5.55
N GLN B 43 -30.87 16.28 5.28
CA GLN B 43 -30.69 15.32 4.18
C GLN B 43 -30.59 16.03 2.83
N GLU B 44 -31.41 17.06 2.63
CA GLU B 44 -31.43 17.83 1.39
C GLU B 44 -30.16 18.66 1.25
N GLU B 45 -29.67 19.17 2.37
CA GLU B 45 -28.45 20.00 2.39
C GLU B 45 -27.21 19.21 1.97
N ILE B 46 -27.16 17.93 2.36
CA ILE B 46 -26.09 17.01 1.96
C ILE B 46 -26.17 16.74 0.46
N ASN B 47 -27.36 16.37 0.00
CA ASN B 47 -27.61 16.09 -1.39
C ASN B 47 -27.20 17.25 -2.30
N GLU B 48 -27.53 18.47 -1.86
CA GLU B 48 -27.20 19.69 -2.59
C GLU B 48 -25.71 19.86 -2.89
N GLN B 49 -24.84 19.65 -1.90
CA GLN B 49 -23.40 19.82 -2.13
C GLN B 49 -22.71 18.57 -2.72
N GLY B 50 -23.52 17.58 -3.08
CA GLY B 50 -23.03 16.27 -3.52
C GLY B 50 -22.33 16.27 -4.86
N HIS B 51 -21.02 15.98 -4.83
CA HIS B 51 -20.17 15.98 -6.02
C HIS B 51 -20.14 14.58 -6.66
N GLU B 52 -20.77 14.46 -7.82
CA GLU B 52 -20.98 13.15 -8.44
C GLU B 52 -19.72 12.49 -8.98
N VAL B 53 -18.80 13.29 -9.49
CA VAL B 53 -17.56 12.76 -10.05
C VAL B 53 -16.62 12.26 -8.95
N LEU B 54 -16.64 12.92 -7.80
CA LEU B 54 -15.93 12.42 -6.61
C LEU B 54 -16.59 11.14 -6.10
N ARG B 55 -17.92 11.11 -6.10
CA ARG B 55 -18.66 9.93 -5.67
C ARG B 55 -18.27 8.70 -6.52
N GLU B 56 -18.18 8.90 -7.83
CA GLU B 56 -17.72 7.88 -8.78
C GLU B 56 -16.29 7.40 -8.48
N LEU B 58 -14.71 7.51 -5.63
CA LEU B 58 -14.74 6.76 -4.37
C LEU B 58 -15.44 5.41 -4.54
N HIS B 59 -16.53 5.40 -5.31
CA HIS B 59 -17.27 4.15 -5.59
C HIS B 59 -16.33 3.11 -6.21
N ASN B 60 -15.50 3.56 -7.16
CA ASN B 60 -14.66 2.66 -7.93
C ASN B 60 -13.17 2.63 -7.65
N HIS B 61 -12.76 3.19 -6.52
CA HIS B 61 -11.34 3.28 -6.19
C HIS B 61 -10.74 1.90 -6.02
N SER B 62 -9.47 1.80 -6.31
CA SER B 62 -8.71 0.64 -5.94
C SER B 62 -7.72 1.09 -4.84
N PHE B 63 -7.81 0.47 -3.66
CA PHE B 63 -7.09 0.96 -2.48
C PHE B 63 -5.61 0.57 -2.56
N VAL B 64 -4.74 1.52 -2.25
CA VAL B 64 -3.31 1.28 -2.39
C VAL B 64 -2.68 1.03 -1.01
N GLY B 65 -2.87 1.98 -0.10
CA GLY B 65 -2.41 1.79 1.28
C GLY B 65 -2.55 3.05 2.13
N CYS B 66 -2.41 2.88 3.45
CA CYS B 66 -2.41 3.97 4.40
C CYS B 66 -1.01 4.55 4.59
N VAL B 67 -0.89 5.87 4.56
CA VAL B 67 0.35 6.53 4.96
C VAL B 67 0.42 6.56 6.50
N ASN B 68 -0.64 7.06 7.14
CA ASN B 68 -0.81 7.02 8.60
C ASN B 68 -2.33 6.95 8.80
N PRO B 69 -2.83 7.08 10.04
CA PRO B 69 -4.29 6.97 10.20
C PRO B 69 -5.04 8.07 9.47
N GLN B 70 -4.42 9.23 9.31
CA GLN B 70 -5.04 10.37 8.67
C GLN B 70 -5.05 10.31 7.14
N TRP B 71 -4.06 9.66 6.53
CA TRP B 71 -3.90 9.75 5.09
C TRP B 71 -3.88 8.38 4.44
N ALA B 72 -4.61 8.24 3.35
CA ALA B 72 -4.59 7.00 2.59
C ALA B 72 -4.37 7.30 1.11
N LEU B 73 -3.78 6.35 0.40
CA LEU B 73 -3.60 6.42 -1.05
C LEU B 73 -4.56 5.51 -1.80
N ALA B 74 -5.16 6.03 -2.88
CA ALA B 74 -6.07 5.23 -3.70
C ALA B 74 -5.92 5.56 -5.19
N GLN B 75 -6.23 4.57 -6.03
CA GLN B 75 -6.12 4.76 -7.48
C GLN B 75 -7.50 4.63 -8.16
N HIS B 76 -7.74 5.47 -9.15
CA HIS B 76 -8.95 5.43 -9.98
C HIS B 76 -8.55 5.83 -11.40
N GLN B 77 -8.86 4.95 -12.36
CA GLN B 77 -8.34 5.05 -13.73
C GLN B 77 -6.84 5.17 -13.61
N THR B 78 -6.29 6.19 -14.24
CA THR B 78 -4.85 6.36 -14.24
C THR B 78 -4.38 7.38 -13.18
N LYS B 79 -5.28 7.80 -12.30
CA LYS B 79 -4.93 8.79 -11.28
C LYS B 79 -4.68 8.20 -9.90
N LEU B 80 -3.68 8.74 -9.22
CA LEU B 80 -3.37 8.36 -7.87
C LEU B 80 -3.83 9.51 -6.96
N TYR B 81 -4.64 9.19 -5.96
CA TYR B 81 -5.16 10.20 -5.03
C TYR B 81 -4.59 10.06 -3.62
N LEU B 82 -4.30 11.19 -2.99
CA LEU B 82 -4.06 11.20 -1.55
C LEU B 82 -5.35 11.66 -0.86
N LEU B 83 -5.82 10.87 0.11
CA LEU B 83 -7.14 11.08 0.67
C LEU B 83 -7.07 11.25 2.18
N ASN B 84 -7.69 12.33 2.69
CA ASN B 84 -7.77 12.55 4.12
C ASN B 84 -8.81 11.65 4.76
N THR B 85 -8.39 10.46 5.14
CA THR B 85 -9.24 9.49 5.83
C THR B 85 -9.98 10.08 7.05
N THR B 86 -9.31 10.95 7.80
CA THR B 86 -9.91 11.59 8.96
C THR B 86 -11.15 12.38 8.57
N LYS B 87 -11.01 13.32 7.64
CA LYS B 87 -12.14 14.13 7.20
C LYS B 87 -13.15 13.38 6.32
N LEU B 88 -12.66 12.44 5.49
CA LEU B 88 -13.56 11.61 4.69
C LEU B 88 -14.45 10.73 5.59
N SER B 89 -13.86 10.12 6.60
CA SER B 89 -14.64 9.26 7.53
C SER B 89 -15.56 10.12 8.40
N GLU B 90 -15.06 11.27 8.85
CA GLU B 90 -15.92 12.26 9.52
C GLU B 90 -17.17 12.58 8.70
N GLU B 91 -16.97 12.98 7.45
CA GLU B 91 -18.08 13.31 6.57
C GLU B 91 -19.00 12.11 6.34
N LEU B 92 -18.41 10.94 6.13
CA LEU B 92 -19.14 9.69 5.99
C LEU B 92 -20.06 9.42 7.18
N PHE B 93 -19.51 9.48 8.39
CA PHE B 93 -20.33 9.21 9.56
C PHE B 93 -21.41 10.29 9.81
N TYR B 94 -21.09 11.54 9.53
CA TYR B 94 -22.09 12.61 9.58
C TYR B 94 -23.31 12.32 8.69
N GLN B 95 -23.06 11.89 7.45
CA GLN B 95 -24.15 11.64 6.50
C GLN B 95 -24.96 10.42 6.89
N ILE B 96 -24.28 9.41 7.45
CA ILE B 96 -24.97 8.20 7.91
C ILE B 96 -25.84 8.53 9.13
N LEU B 97 -25.36 9.45 9.96
CA LEU B 97 -26.14 9.93 11.10
C LEU B 97 -27.42 10.61 10.65
N ILE B 98 -27.30 11.49 9.64
CA ILE B 98 -28.44 12.23 9.12
C ILE B 98 -29.39 11.32 8.34
N TYR B 99 -28.85 10.37 7.58
CA TYR B 99 -29.69 9.50 6.74
C TYR B 99 -30.29 8.29 7.45
N ASP B 100 -29.54 7.65 8.34
CA ASP B 100 -30.10 6.53 9.12
C ASP B 100 -30.69 6.99 10.46
N PHE B 101 -30.96 8.29 10.55
CA PHE B 101 -31.43 8.91 11.79
C PHE B 101 -32.57 8.10 12.41
N ALA B 102 -32.46 7.83 13.70
CA ALA B 102 -33.47 7.10 14.49
C ALA B 102 -33.59 5.62 14.13
N ASN B 103 -32.82 5.18 13.14
CA ASN B 103 -32.89 3.81 12.65
C ASN B 103 -31.62 3.01 12.88
N PHE B 104 -30.88 3.31 13.94
CA PHE B 104 -29.57 2.71 14.14
C PHE B 104 -29.60 1.44 14.94
N GLY B 105 -28.85 0.43 14.48
CA GLY B 105 -28.54 -0.70 15.31
C GLY B 105 -27.70 -0.26 16.49
N VAL B 106 -27.60 -1.13 17.50
CA VAL B 106 -26.87 -0.76 18.69
C VAL B 106 -25.61 -1.56 18.79
N LEU B 107 -24.55 -0.86 19.17
CA LEU B 107 -23.29 -1.46 19.46
C LEU B 107 -23.19 -1.45 20.97
N ARG B 108 -23.31 -2.64 21.56
CA ARG B 108 -23.26 -2.82 23.00
C ARG B 108 -21.82 -2.68 23.47
N LEU B 109 -21.61 -1.89 24.52
CA LEU B 109 -20.33 -1.84 25.19
C LEU B 109 -20.23 -3.09 26.05
N SER B 110 -19.09 -3.79 25.97
CA SER B 110 -18.88 -4.98 26.79
C SER B 110 -18.87 -4.55 28.25
N GLU B 111 -18.08 -3.51 28.52
CA GLU B 111 -18.06 -2.88 29.84
C GLU B 111 -18.86 -1.57 29.80
N PRO B 112 -19.90 -1.47 30.65
CA PRO B 112 -20.59 -0.20 30.93
C PRO B 112 -19.62 0.88 31.43
N ALA B 113 -19.79 2.09 30.94
CA ALA B 113 -18.85 3.15 31.25
C ALA B 113 -19.59 4.26 31.96
N PRO B 114 -19.28 4.46 33.26
CA PRO B 114 -19.90 5.56 34.02
C PRO B 114 -19.60 6.91 33.38
N LEU B 115 -20.66 7.66 33.06
CA LEU B 115 -20.52 8.98 32.47
C LEU B 115 -19.66 9.91 33.34
N PHE B 116 -19.71 9.68 34.65
CA PHE B 116 -18.91 10.46 35.59
C PHE B 116 -17.41 10.28 35.38
N ASP B 117 -16.94 9.04 35.29
CA ASP B 117 -15.52 8.79 35.10
C ASP B 117 -15.03 9.36 33.77
N LEU B 118 -15.85 9.17 32.75
CA LEU B 118 -15.59 9.69 31.40
C LEU B 118 -15.44 11.21 31.38
N ALA B 119 -16.41 11.91 31.98
CA ALA B 119 -16.31 13.36 32.13
C ALA B 119 -15.06 13.79 32.92
N LEU B 121 -12.18 12.05 33.05
CA LEU B 121 -11.07 11.80 32.14
C LEU B 121 -10.96 12.94 31.13
N ALA B 122 -12.10 13.39 30.63
CA ALA B 122 -12.17 14.54 29.72
C ALA B 122 -11.59 15.79 30.39
N LEU B 123 -12.09 16.12 31.58
CA LEU B 123 -11.67 17.31 32.31
C LEU B 123 -10.20 17.31 32.73
N ASP B 124 -9.65 16.13 33.02
CA ASP B 124 -8.25 15.99 33.35
C ASP B 124 -7.32 16.01 32.14
N SER B 125 -7.86 16.26 30.94
CA SER B 125 -7.04 16.27 29.71
C SER B 125 -6.95 17.68 29.10
N PRO B 126 -5.82 17.98 28.43
CA PRO B 126 -5.61 19.33 27.87
C PRO B 126 -6.61 19.76 26.78
N GLU B 127 -7.26 18.83 26.11
CA GLU B 127 -8.20 19.20 25.03
C GLU B 127 -9.53 19.73 25.56
N SER B 128 -9.81 19.47 26.85
CA SER B 128 -11.01 20.02 27.50
C SER B 128 -10.99 21.55 27.59
N GLY B 129 -9.81 22.14 27.72
CA GLY B 129 -9.69 23.57 27.98
C GLY B 129 -10.28 23.97 29.33
N TRP B 130 -10.33 23.03 30.27
CA TRP B 130 -10.76 23.32 31.63
C TRP B 130 -9.77 24.27 32.29
N THR B 131 -10.30 25.28 32.98
CA THR B 131 -9.51 26.10 33.92
C THR B 131 -10.34 26.29 35.19
N GLU B 132 -9.73 26.88 36.22
CA GLU B 132 -10.39 27.06 37.51
C GLU B 132 -11.63 27.97 37.39
N GLU B 133 -11.61 28.88 36.41
CA GLU B 133 -12.76 29.75 36.13
C GLU B 133 -14.00 28.96 35.75
N ASP B 134 -13.82 27.74 35.22
CA ASP B 134 -14.94 26.82 34.94
C ASP B 134 -15.62 26.30 36.19
N GLY B 135 -14.88 26.25 37.29
CA GLY B 135 -15.40 25.70 38.54
C GLY B 135 -14.87 24.29 38.76
N PRO B 136 -14.98 23.76 39.99
CA PRO B 136 -14.38 22.45 40.30
C PRO B 136 -14.86 21.31 39.40
N LYS B 137 -13.96 20.37 39.14
CA LYS B 137 -14.17 19.31 38.17
C LYS B 137 -15.28 18.35 38.56
N GLU B 138 -15.22 17.83 39.80
CA GLU B 138 -16.23 16.90 40.31
C GLU B 138 -17.63 17.45 40.10
N GLY B 139 -17.85 18.71 40.49
CA GLY B 139 -19.13 19.38 40.31
C GLY B 139 -19.58 19.50 38.86
N LEU B 140 -18.64 19.84 37.98
CA LEU B 140 -18.93 19.90 36.55
C LEU B 140 -19.19 18.49 35.98
N ALA B 141 -18.34 17.53 36.34
CA ALA B 141 -18.61 16.12 36.00
C ALA B 141 -20.03 15.71 36.39
N GLU B 142 -20.41 15.94 37.65
CA GLU B 142 -21.76 15.59 38.14
C GLU B 142 -22.87 16.24 37.32
N TYR B 143 -22.71 17.53 37.04
CA TYR B 143 -23.66 18.25 36.20
C TYR B 143 -23.82 17.63 34.82
N ILE B 144 -22.69 17.27 34.20
CA ILE B 144 -22.66 16.65 32.87
C ILE B 144 -23.45 15.35 32.88
N VAL B 145 -23.22 14.54 33.91
CA VAL B 145 -23.93 13.27 34.08
C VAL B 145 -25.43 13.49 34.17
N GLU B 146 -25.84 14.41 35.05
CA GLU B 146 -27.26 14.70 35.26
C GLU B 146 -27.88 15.28 34.00
N PHE B 147 -27.20 16.24 33.39
CA PHE B 147 -27.65 16.81 32.12
C PHE B 147 -27.82 15.72 31.05
N LEU B 148 -26.86 14.81 30.95
CA LEU B 148 -26.96 13.76 29.92
C LEU B 148 -28.01 12.69 30.25
N LYS B 149 -28.19 12.40 31.54
CA LYS B 149 -29.31 11.53 31.97
C LYS B 149 -30.67 12.08 31.52
N LYS B 150 -30.80 13.40 31.48
CA LYS B 150 -32.06 14.05 31.08
C LYS B 150 -32.32 13.88 29.60
N LYS B 151 -31.22 13.89 28.82
CA LYS B 151 -31.31 13.81 27.37
C LYS B 151 -31.31 12.35 26.88
N ALA B 152 -31.19 11.42 27.82
CA ALA B 152 -31.01 10.00 27.54
C ALA B 152 -32.08 9.32 26.67
N GLU B 153 -33.35 9.61 26.94
CA GLU B 153 -34.46 9.00 26.19
C GLU B 153 -34.36 9.39 24.72
N LEU B 155 -31.67 10.64 23.16
CA LEU B 155 -30.40 10.11 22.68
C LEU B 155 -30.47 8.64 22.26
N ALA B 156 -31.11 7.82 23.08
CA ALA B 156 -31.32 6.40 22.78
C ALA B 156 -32.28 6.20 21.61
N ASP B 157 -33.35 6.98 21.58
CA ASP B 157 -34.36 6.90 20.54
C ASP B 157 -33.79 7.24 19.15
N TYR B 158 -33.31 8.46 18.99
CA TYR B 158 -32.88 8.95 17.69
C TYR B 158 -31.48 8.52 17.28
N PHE B 159 -30.63 8.22 18.26
CA PHE B 159 -29.22 8.03 17.99
C PHE B 159 -28.62 6.72 18.48
N SER B 160 -29.43 5.90 19.14
CA SER B 160 -28.97 4.63 19.71
C SER B 160 -27.74 4.85 20.58
N LEU B 161 -27.68 6.04 21.18
CA LEU B 161 -26.71 6.36 22.20
C LEU B 161 -27.40 6.06 23.52
N GLU B 162 -26.99 4.97 24.17
CA GLU B 162 -27.74 4.43 25.31
C GLU B 162 -27.09 4.72 26.66
N ILE B 163 -27.80 5.51 27.45
CA ILE B 163 -27.43 5.83 28.82
C ILE B 163 -28.55 5.32 29.75
N ASP B 164 -28.20 4.47 30.72
CA ASP B 164 -29.22 3.93 31.64
C ASP B 164 -29.46 4.85 32.84
N GLU B 165 -30.40 4.49 33.71
CA GLU B 165 -30.76 5.37 34.84
C GLU B 165 -29.70 5.46 35.92
N GLU B 166 -28.65 4.65 35.80
CA GLU B 166 -27.48 4.76 36.67
C GLU B 166 -26.48 5.78 36.13
N GLY B 167 -26.77 6.32 34.94
CA GLY B 167 -25.84 7.23 34.27
C GLY B 167 -24.61 6.52 33.73
N ASN B 168 -24.77 5.26 33.33
CA ASN B 168 -23.72 4.55 32.62
C ASN B 168 -24.04 4.56 31.14
N LEU B 169 -23.00 4.72 30.33
CA LEU B 169 -23.13 4.55 28.89
C LEU B 169 -23.11 3.05 28.58
N ILE B 170 -24.12 2.56 27.88
CA ILE B 170 -24.20 1.11 27.65
C ILE B 170 -24.27 0.76 26.16
N GLY B 171 -24.43 1.77 25.32
CA GLY B 171 -24.65 1.55 23.90
C GLY B 171 -24.29 2.73 23.04
N LEU B 172 -23.76 2.44 21.84
CA LEU B 172 -23.45 3.45 20.84
C LEU B 172 -24.09 3.05 19.50
N PRO B 173 -24.35 4.03 18.62
CA PRO B 173 -24.94 3.63 17.32
C PRO B 173 -23.94 2.79 16.50
N LEU B 174 -24.44 1.73 15.88
CA LEU B 174 -23.64 0.94 14.95
C LEU B 174 -23.86 1.59 13.58
N LEU B 175 -22.98 2.53 13.20
CA LEU B 175 -23.19 3.31 11.99
C LEU B 175 -22.87 2.47 10.74
N ILE B 176 -21.78 1.70 10.83
CA ILE B 176 -21.46 0.66 9.85
C ILE B 176 -21.10 -0.62 10.61
N ASP B 177 -21.34 -1.78 9.99
CA ASP B 177 -21.00 -3.07 10.62
C ASP B 177 -19.52 -3.19 10.90
N ASN B 178 -19.19 -3.96 11.94
CA ASN B 178 -17.80 -4.31 12.20
C ASN B 178 -16.91 -3.10 12.46
N TYR B 179 -17.51 -2.04 12.99
CA TYR B 179 -16.74 -0.86 13.32
C TYR B 179 -17.02 -0.41 14.73
N VAL B 180 -15.95 -0.27 15.50
CA VAL B 180 -16.00 0.30 16.83
C VAL B 180 -15.18 1.57 16.72
N PRO B 181 -15.78 2.73 17.03
CA PRO B 181 -15.06 4.00 17.04
C PRO B 181 -13.91 3.93 18.05
N PRO B 182 -12.83 4.69 17.82
CA PRO B 182 -11.68 4.69 18.76
C PRO B 182 -12.10 5.20 20.14
N LEU B 183 -12.15 4.29 21.10
CA LEU B 183 -12.77 4.55 22.39
C LEU B 183 -11.98 5.50 23.27
N GLU B 184 -10.68 5.64 23.02
CA GLU B 184 -9.89 6.64 23.73
C GLU B 184 -10.42 8.07 23.51
N GLY B 185 -11.24 8.25 22.46
CA GLY B 185 -11.92 9.52 22.23
C GLY B 185 -13.24 9.67 22.95
N LEU B 186 -13.63 8.64 23.71
CA LEU B 186 -14.92 8.63 24.42
C LEU B 186 -15.07 9.73 25.49
N PRO B 187 -14.09 9.89 26.39
CA PRO B 187 -14.21 11.00 27.36
C PRO B 187 -14.55 12.36 26.72
N ILE B 188 -13.71 12.81 25.79
CA ILE B 188 -13.95 14.11 25.13
C ILE B 188 -15.25 14.17 24.32
N PHE B 189 -15.63 13.06 23.70
CA PHE B 189 -16.94 13.00 23.07
C PHE B 189 -18.02 13.36 24.10
N ILE B 190 -17.96 12.73 25.28
CA ILE B 190 -19.00 12.89 26.30
C ILE B 190 -19.08 14.34 26.75
N LEU B 191 -17.91 14.93 27.01
CA LEU B 191 -17.82 16.34 27.35
C LEU B 191 -18.46 17.26 26.30
N ARG B 192 -18.02 17.13 25.05
CA ARG B 192 -18.51 18.00 23.98
C ARG B 192 -19.99 17.76 23.69
N LEU B 193 -20.48 16.57 23.98
CA LEU B 193 -21.90 16.28 23.81
C LEU B 193 -22.75 17.20 24.71
N ALA B 194 -22.28 17.43 25.94
CA ALA B 194 -22.96 18.32 26.89
C ALA B 194 -22.63 19.79 26.66
N THR B 195 -21.38 20.06 26.31
CA THR B 195 -20.81 21.41 26.31
C THR B 195 -20.84 22.11 24.96
N GLU B 196 -21.01 21.35 23.89
CA GLU B 196 -20.83 21.92 22.56
C GLU B 196 -22.03 21.76 21.65
N VAL B 197 -22.99 20.93 22.07
CA VAL B 197 -24.19 20.69 21.27
C VAL B 197 -25.28 21.70 21.62
N ASN B 198 -25.97 22.20 20.60
CA ASN B 198 -27.07 23.14 20.79
C ASN B 198 -28.34 22.37 21.14
N TRP B 199 -28.55 22.15 22.43
CA TRP B 199 -29.68 21.35 22.91
C TRP B 199 -31.03 22.05 22.86
N ASP B 200 -31.05 23.27 22.32
CA ASP B 200 -32.19 24.18 22.47
C ASP B 200 -32.99 24.41 21.20
N GLU B 201 -32.31 24.37 20.05
CA GLU B 201 -32.96 24.49 18.74
C GLU B 201 -32.83 23.14 18.03
N GLU B 202 -33.94 22.65 17.49
CA GLU B 202 -34.05 21.31 16.89
C GLU B 202 -33.03 21.04 15.77
N LYS B 203 -33.03 21.91 14.76
CA LYS B 203 -32.11 21.78 13.63
C LYS B 203 -30.65 21.79 14.05
N GLU B 204 -30.25 22.79 14.85
CA GLU B 204 -28.86 22.92 15.29
C GLU B 204 -28.48 21.82 16.28
N CYS B 205 -29.48 21.24 16.95
CA CYS B 205 -29.27 20.12 17.85
C CYS B 205 -28.89 18.87 17.08
N PHE B 206 -29.74 18.48 16.13
CA PHE B 206 -29.52 17.27 15.34
C PHE B 206 -28.23 17.36 14.51
N GLU B 207 -27.94 18.56 14.01
CA GLU B 207 -26.74 18.83 13.23
C GLU B 207 -25.46 18.77 14.06
N SER B 208 -25.45 19.51 15.18
CA SER B 208 -24.25 19.59 16.01
C SER B 208 -23.98 18.26 16.71
N LEU B 209 -25.04 17.56 17.09
CA LEU B 209 -24.94 16.24 17.70
C LEU B 209 -24.32 15.22 16.74
N SER B 210 -24.87 15.16 15.53
CA SER B 210 -24.38 14.30 14.48
C SER B 210 -22.92 14.65 14.14
N LYS B 211 -22.61 15.94 14.10
CA LYS B 211 -21.26 16.43 13.86
C LYS B 211 -20.28 15.95 14.95
N GLU B 212 -20.72 16.05 16.21
CA GLU B 212 -19.88 15.61 17.33
C GLU B 212 -19.70 14.10 17.28
N CYS B 213 -20.80 13.39 16.99
CA CYS B 213 -20.73 11.95 16.90
C CYS B 213 -19.86 11.53 15.73
N ALA B 214 -20.06 12.16 14.57
CA ALA B 214 -19.23 11.93 13.38
C ALA B 214 -17.74 12.01 13.70
N PHE B 216 -16.27 11.80 16.65
CA PHE B 216 -15.89 10.72 17.57
C PHE B 216 -15.66 9.38 16.83
N TYR B 217 -16.49 9.09 15.83
CA TYR B 217 -16.39 7.88 15.00
C TYR B 217 -15.27 7.96 13.95
N SER B 218 -14.94 9.18 13.51
CA SER B 218 -13.92 9.38 12.50
C SER B 218 -12.57 8.80 12.94
N ILE B 219 -11.74 8.44 11.96
CA ILE B 219 -10.41 7.96 12.23
C ILE B 219 -9.51 9.14 12.52
N ARG B 220 -9.09 9.29 13.79
CA ARG B 220 -8.23 10.43 14.16
C ARG B 220 -6.93 9.93 14.74
N LYS B 221 -5.79 10.36 14.19
CA LYS B 221 -4.50 9.76 14.61
C LYS B 221 -4.20 9.79 16.11
N GLN B 222 -4.62 10.84 16.80
CA GLN B 222 -4.31 10.98 18.23
C GLN B 222 -4.95 9.88 19.10
N TYR B 223 -6.03 9.28 18.62
CA TYR B 223 -6.70 8.19 19.35
C TYR B 223 -6.44 6.81 18.77
N ILE B 224 -5.38 6.71 17.95
CA ILE B 224 -5.03 5.46 17.28
C ILE B 224 -3.73 4.90 17.86
N SER B 244 -3.41 -3.31 12.87
CA SER B 244 -4.77 -3.75 12.61
C SER B 244 -5.69 -2.61 12.16
N TRP B 245 -5.36 -1.36 12.52
CA TRP B 245 -6.18 -0.23 12.08
C TRP B 245 -6.09 -0.01 10.56
N LYS B 246 -4.95 -0.37 9.95
CA LYS B 246 -4.82 -0.28 8.49
C LYS B 246 -5.90 -1.13 7.82
N TRP B 247 -6.09 -2.34 8.34
CA TRP B 247 -7.12 -3.24 7.84
C TRP B 247 -8.55 -2.64 7.92
N THR B 248 -8.89 -2.05 9.06
CA THR B 248 -10.19 -1.42 9.23
C THR B 248 -10.38 -0.26 8.25
N VAL B 249 -9.33 0.53 8.06
CA VAL B 249 -9.44 1.68 7.18
C VAL B 249 -9.77 1.20 5.78
N GLU B 250 -8.99 0.25 5.28
CA GLU B 250 -9.17 -0.23 3.89
C GLU B 250 -10.49 -0.95 3.67
N HIS B 251 -10.78 -1.90 4.56
CA HIS B 251 -11.89 -2.83 4.31
C HIS B 251 -13.21 -2.48 4.97
N ILE B 252 -13.18 -1.58 5.93
CA ILE B 252 -14.46 -1.17 6.54
C ILE B 252 -14.76 0.28 6.19
N VAL B 253 -13.84 1.18 6.52
CA VAL B 253 -14.13 2.59 6.28
C VAL B 253 -14.20 2.91 4.79
N TYR B 254 -13.16 2.54 4.03
CA TYR B 254 -13.15 2.83 2.60
C TYR B 254 -14.18 2.02 1.79
N LYS B 255 -14.55 0.84 2.26
CA LYS B 255 -15.69 0.13 1.66
C LYS B 255 -16.95 0.96 1.76
N ALA B 256 -17.27 1.45 2.95
CA ALA B 256 -18.50 2.26 3.12
C ALA B 256 -18.44 3.57 2.32
N LEU B 257 -17.23 4.09 2.13
CA LEU B 257 -17.04 5.26 1.26
C LEU B 257 -17.42 5.01 -0.20
N ARG B 258 -17.59 3.75 -0.59
CA ARG B 258 -18.05 3.44 -1.95
C ARG B 258 -19.53 3.73 -2.12
N SER B 259 -20.26 3.64 -1.01
CA SER B 259 -21.72 3.58 -1.02
C SER B 259 -22.39 4.72 -0.29
N HIS B 260 -21.87 5.06 0.89
CA HIS B 260 -22.64 5.82 1.88
C HIS B 260 -22.19 7.27 2.05
N ILE B 261 -21.54 7.82 1.03
CA ILE B 261 -21.12 9.21 1.06
C ILE B 261 -21.41 9.90 -0.28
N LEU B 262 -22.09 11.05 -0.19
CA LEU B 262 -22.15 12.02 -1.28
C LEU B 262 -21.13 13.11 -0.96
N PRO B 263 -19.87 12.95 -1.43
CA PRO B 263 -18.83 13.85 -0.96
C PRO B 263 -19.07 15.30 -1.40
N PRO B 264 -18.90 16.27 -0.47
CA PRO B 264 -19.15 17.67 -0.81
C PRO B 264 -18.16 18.25 -1.82
N LYS B 265 -18.61 19.27 -2.54
CA LYS B 265 -17.78 19.95 -3.55
C LYS B 265 -16.52 20.56 -2.98
N HIS B 266 -16.57 21.05 -1.73
CA HIS B 266 -15.38 21.66 -1.12
C HIS B 266 -14.19 20.71 -0.98
N PHE B 267 -14.47 19.40 -1.04
CA PHE B 267 -13.43 18.36 -1.04
C PHE B 267 -12.47 18.47 -2.23
N THR B 268 -12.94 19.05 -3.34
CA THR B 268 -12.05 19.30 -4.48
C THR B 268 -11.05 20.47 -4.27
N GLU B 269 -11.26 21.27 -3.24
CA GLU B 269 -10.39 22.44 -2.99
C GLU B 269 -9.77 22.56 -1.58
N ASP B 270 -10.39 21.94 -0.57
CA ASP B 270 -9.94 22.07 0.84
C ASP B 270 -8.70 21.26 1.24
N GLY B 271 -8.26 20.36 0.37
CA GLY B 271 -7.04 19.60 0.64
C GLY B 271 -7.28 18.24 1.25
N ASN B 272 -8.54 17.79 1.22
CA ASN B 272 -8.92 16.44 1.67
C ASN B 272 -8.80 15.33 0.63
N ILE B 273 -8.77 15.75 -0.64
CA ILE B 273 -8.60 14.84 -1.77
C ILE B 273 -7.63 15.49 -2.76
N LEU B 274 -6.46 14.89 -2.93
CA LEU B 274 -5.44 15.46 -3.79
C LEU B 274 -5.02 14.47 -4.86
N GLN B 275 -5.03 14.93 -6.11
CA GLN B 275 -4.46 14.14 -7.19
C GLN B 275 -2.95 14.26 -7.20
N LEU B 276 -2.24 13.21 -6.81
CA LEU B 276 -0.79 13.27 -6.71
C LEU B 276 -0.04 13.07 -8.04
N ALA B 277 -0.67 12.36 -8.97
CA ALA B 277 0.03 11.88 -10.18
C ALA B 277 -0.95 11.18 -11.11
N ASN B 278 -0.51 11.06 -12.36
CA ASN B 278 -1.26 10.36 -13.39
C ASN B 278 -0.33 9.34 -14.02
N LEU B 279 -0.80 8.11 -14.16
CA LEU B 279 0.01 7.04 -14.76
C LEU B 279 -0.66 6.60 -16.06
N PRO B 280 -0.40 7.34 -17.16
CA PRO B 280 -1.19 7.14 -18.39
C PRO B 280 -1.12 5.71 -18.94
N ASP B 281 0.02 5.05 -18.73
CA ASP B 281 0.21 3.68 -19.23
C ASP B 281 -0.20 2.57 -18.28
N LEU B 282 -0.94 2.91 -17.23
CA LEU B 282 -1.27 1.97 -16.16
C LEU B 282 -1.98 0.70 -16.64
N TYR B 283 -2.94 0.88 -17.55
CA TYR B 283 -3.72 -0.21 -18.11
C TYR B 283 -3.28 -0.64 -19.52
N LYS B 284 -2.08 -0.26 -19.94
CA LYS B 284 -1.64 -0.50 -21.34
C LYS B 284 -1.16 -1.93 -21.62
#